data_2VEZ
#
_entry.id   2VEZ
#
_cell.length_a   70.677
_cell.length_b   100.541
_cell.length_c   55.000
_cell.angle_alpha   90.00
_cell.angle_beta   90.00
_cell.angle_gamma   90.00
#
_symmetry.space_group_name_H-M   'C 2 2 21'
#
loop_
_entity.id
_entity.type
_entity.pdbx_description
1 polymer 'PUTATIVE GLUCOSAMINE 6-PHOSPHATE ACETYLTRANSFERASE'
2 non-polymer 'ACETYL COENZYME *A'
3 non-polymer 6-O-phosphono-alpha-D-glucopyranose
4 non-polymer 'PHOSPHATE ION'
5 water water
#
_entity_poly.entity_id   1
_entity_poly.type   'polypeptide(L)'
_entity_poly.pdbx_seq_one_letter_code
;MTNATIAPTTTAAPVTKSVDAPTADENTPLFSPSLISPDVLAVLPADYTIRPLCRSDYKRGYLDVLRVLTTVGDINEEQW
NSRYEWIRARSDEYYLLVVCDGEGRIVGTGSLVVERKFIHSLGMVGHIEDIAVEKGQQGKKLGLRIIQALDYVAEKVGCY
KTILDCSEANEGFYIKCGFKRAGLEMAHYY
;
_entity_poly.pdbx_strand_id   A
#
# COMPACT_ATOMS: atom_id res chain seq x y z
N GLU A 26 18.61 8.53 -1.23
CA GLU A 26 17.42 9.37 -1.34
C GLU A 26 16.37 8.77 -2.27
N ASN A 27 16.83 8.21 -3.38
CA ASN A 27 15.94 7.64 -4.36
C ASN A 27 15.90 6.12 -4.31
N THR A 28 16.65 5.53 -3.39
CA THR A 28 16.73 4.08 -3.26
C THR A 28 15.34 3.52 -2.90
N PRO A 29 14.84 2.52 -3.66
CA PRO A 29 13.54 1.96 -3.31
C PRO A 29 13.53 1.32 -1.91
N LEU A 30 12.41 1.48 -1.21
CA LEU A 30 12.21 0.85 0.11
C LEU A 30 12.40 -0.67 0.08
N PHE A 31 11.94 -1.29 -1.00
CA PHE A 31 12.07 -2.72 -1.18
C PHE A 31 12.35 -3.04 -2.65
N SER A 32 12.72 -4.29 -2.94
CA SER A 32 13.13 -4.67 -4.30
C SER A 32 12.05 -4.39 -5.34
N PRO A 33 12.41 -3.67 -6.42
CA PRO A 33 11.48 -3.54 -7.54
C PRO A 33 10.95 -4.88 -8.12
N SER A 34 11.67 -5.99 -7.90
CA SER A 34 11.17 -7.29 -8.31
C SER A 34 9.85 -7.70 -7.65
N LEU A 35 9.54 -7.06 -6.53
CA LEU A 35 8.30 -7.33 -5.81
C LEU A 35 7.10 -6.61 -6.39
N ILE A 36 7.31 -5.79 -7.43
CA ILE A 36 6.18 -5.12 -8.09
C ILE A 36 5.65 -6.04 -9.18
N SER A 37 4.37 -6.41 -9.06
CA SER A 37 3.77 -7.37 -9.98
C SER A 37 4.01 -7.05 -11.45
N PRO A 38 4.67 -7.96 -12.20
CA PRO A 38 4.83 -7.69 -13.62
C PRO A 38 3.53 -7.58 -14.41
N ASP A 39 2.52 -8.37 -14.05
CA ASP A 39 1.23 -8.26 -14.73
C ASP A 39 0.59 -6.89 -14.49
N VAL A 40 0.70 -6.37 -13.28
CA VAL A 40 0.22 -5.04 -12.99
C VAL A 40 0.99 -4.00 -13.79
N LEU A 41 2.31 -4.10 -13.76
CA LEU A 41 3.14 -3.18 -14.58
C LEU A 41 2.70 -3.18 -16.05
N ALA A 42 2.34 -4.34 -16.58
CA ALA A 42 1.96 -4.48 -17.99
C ALA A 42 0.66 -3.76 -18.33
N VAL A 43 -0.23 -3.59 -17.35
CA VAL A 43 -1.59 -3.12 -17.62
CA VAL A 43 -1.57 -3.08 -17.66
C VAL A 43 -1.86 -1.70 -17.10
N LEU A 44 -0.92 -1.12 -16.34
CA LEU A 44 -1.12 0.25 -15.82
C LEU A 44 -1.35 1.24 -16.97
N PRO A 45 -2.21 2.28 -16.75
CA PRO A 45 -2.41 3.34 -17.74
C PRO A 45 -1.09 3.91 -18.26
N ALA A 46 -1.14 4.39 -19.50
CA ALA A 46 0.06 4.86 -20.19
C ALA A 46 0.84 5.91 -19.40
N ASP A 47 2.13 5.65 -19.23
CA ASP A 47 3.09 6.54 -18.53
C ASP A 47 2.98 6.58 -17.01
N TYR A 48 1.91 5.99 -16.45
CA TYR A 48 1.84 5.82 -14.99
C TYR A 48 2.86 4.80 -14.55
N THR A 49 3.26 4.89 -13.29
CA THR A 49 4.28 4.00 -12.73
C THR A 49 3.74 3.46 -11.39
N ILE A 50 4.03 2.20 -11.08
CA ILE A 50 3.84 1.72 -9.71
C ILE A 50 5.20 1.24 -9.22
N ARG A 51 5.56 1.66 -8.02
CA ARG A 51 6.94 1.43 -7.56
C ARG A 51 6.98 1.49 -6.02
N PRO A 52 8.05 0.94 -5.43
CA PRO A 52 8.18 1.11 -3.97
C PRO A 52 8.33 2.59 -3.61
N LEU A 53 7.88 2.93 -2.40
CA LEU A 53 8.24 4.21 -1.81
C LEU A 53 9.75 4.42 -1.80
N CYS A 54 10.19 5.67 -1.84
CA CYS A 54 11.58 6.00 -1.50
C CYS A 54 11.58 7.24 -0.61
N ARG A 55 12.72 7.52 0.03
CA ARG A 55 12.74 8.60 1.02
C ARG A 55 12.35 9.95 0.41
N SER A 56 12.77 10.19 -0.82
CA SER A 56 12.54 11.49 -1.44
C SER A 56 11.07 11.73 -1.84
N ASP A 57 10.22 10.71 -1.73
CA ASP A 57 8.79 10.85 -2.02
C ASP A 57 8.08 11.84 -1.08
N TYR A 58 8.70 12.15 0.06
CA TYR A 58 8.19 13.27 0.89
C TYR A 58 8.00 14.54 0.04
N LYS A 59 8.93 14.74 -0.89
CA LYS A 59 8.94 15.92 -1.78
C LYS A 59 8.03 15.83 -2.99
N ARG A 60 7.38 14.69 -3.20
CA ARG A 60 6.59 14.48 -4.41
C ARG A 60 5.10 14.29 -4.17
N GLY A 61 4.58 14.85 -3.07
CA GLY A 61 3.14 14.83 -2.86
C GLY A 61 2.60 13.64 -2.08
N TYR A 62 3.50 12.84 -1.50
CA TYR A 62 3.06 11.62 -0.82
C TYR A 62 2.01 11.88 0.26
N LEU A 63 2.32 12.77 1.20
CA LEU A 63 1.43 12.94 2.33
C LEU A 63 0.10 13.56 1.91
N ASP A 64 0.14 14.35 0.84
CA ASP A 64 -1.10 14.95 0.35
CA ASP A 64 -1.08 14.96 0.28
C ASP A 64 -2.07 13.90 -0.18
N VAL A 65 -1.55 12.80 -0.74
CA VAL A 65 -2.46 11.74 -1.17
C VAL A 65 -3.18 11.07 0.01
N LEU A 66 -2.44 10.87 1.10
CA LEU A 66 -3.00 10.25 2.31
C LEU A 66 -4.14 11.07 2.90
N ARG A 67 -4.15 12.36 2.60
CA ARG A 67 -5.21 13.26 3.10
C ARG A 67 -6.63 12.96 2.58
N VAL A 68 -6.76 12.23 1.47
CA VAL A 68 -8.07 11.75 1.05
C VAL A 68 -8.61 10.66 2.00
N LEU A 69 -7.72 10.02 2.73
CA LEU A 69 -8.14 8.84 3.49
C LEU A 69 -8.62 9.30 4.83
N THR A 70 -7.84 10.14 5.49
CA THR A 70 -8.10 10.44 6.90
C THR A 70 -7.12 11.53 7.27
N THR A 71 -7.09 11.96 8.53
CA THR A 71 -6.19 13.06 8.75
C THR A 71 -4.76 12.67 9.07
N VAL A 72 -3.86 13.51 8.55
CA VAL A 72 -2.46 13.20 8.48
C VAL A 72 -1.67 14.03 9.47
N GLY A 73 -1.97 15.32 9.55
CA GLY A 73 -1.22 16.24 10.40
C GLY A 73 0.00 16.81 9.70
N ASP A 74 0.55 17.89 10.25
CA ASP A 74 1.81 18.47 9.77
C ASP A 74 2.92 17.53 10.19
N ILE A 75 3.69 17.05 9.20
CA ILE A 75 4.84 16.20 9.46
C ILE A 75 6.02 16.88 8.78
N ASN A 76 7.06 17.21 9.53
CA ASN A 76 8.23 17.84 8.89
C ASN A 76 9.18 16.82 8.27
N GLU A 77 10.20 17.31 7.57
CA GLU A 77 11.07 16.41 6.82
C GLU A 77 11.89 15.52 7.75
N GLU A 78 12.33 16.08 8.88
CA GLU A 78 13.08 15.33 9.89
C GLU A 78 12.25 14.17 10.45
N GLN A 79 10.98 14.44 10.70
CA GLN A 79 10.08 13.43 11.25
C GLN A 79 9.82 12.35 10.20
N TRP A 80 9.59 12.80 8.96
CA TRP A 80 9.46 11.87 7.83
C TRP A 80 10.66 10.95 7.73
N ASN A 81 11.84 11.56 7.70
CA ASN A 81 13.07 10.80 7.59
C ASN A 81 13.18 9.75 8.72
N SER A 82 12.86 10.13 9.95
CA SER A 82 12.96 9.17 11.05
CA SER A 82 12.96 9.19 11.07
C SER A 82 12.01 7.98 10.92
N ARG A 83 10.76 8.23 10.53
CA ARG A 83 9.76 7.19 10.38
CA ARG A 83 9.78 7.19 10.34
C ARG A 83 10.07 6.33 9.14
N TYR A 84 10.52 6.99 8.08
CA TYR A 84 10.92 6.25 6.87
C TYR A 84 12.04 5.27 7.23
N GLU A 85 13.05 5.73 7.98
CA GLU A 85 14.16 4.84 8.32
C GLU A 85 13.72 3.69 9.24
N TRP A 86 12.77 3.97 10.11
CA TRP A 86 12.20 2.92 10.95
C TRP A 86 11.56 1.84 10.07
N ILE A 87 10.80 2.28 9.09
CA ILE A 87 10.12 1.36 8.17
C ILE A 87 11.12 0.59 7.33
N ARG A 88 12.11 1.31 6.81
CA ARG A 88 13.15 0.71 5.98
C ARG A 88 13.95 -0.37 6.71
N ALA A 89 14.16 -0.18 7.99
CA ALA A 89 14.79 -1.17 8.81
C ALA A 89 13.94 -2.41 8.95
N ARG A 90 12.67 -2.29 8.62
CA ARG A 90 11.71 -3.38 8.71
C ARG A 90 11.04 -3.69 7.36
N SER A 91 11.83 -3.58 6.28
CA SER A 91 11.32 -3.79 4.91
CA SER A 91 11.35 -3.81 4.90
C SER A 91 10.90 -5.24 4.59
N ASP A 92 11.10 -6.15 5.56
CA ASP A 92 10.50 -7.49 5.43
CA ASP A 92 10.59 -7.53 5.62
C ASP A 92 9.18 -7.63 6.23
N GLU A 93 8.70 -6.52 6.73
CA GLU A 93 7.40 -6.47 7.38
CA GLU A 93 7.40 -6.46 7.38
C GLU A 93 6.51 -5.43 6.69
N TYR A 94 7.09 -4.27 6.39
CA TYR A 94 6.37 -3.14 5.81
C TYR A 94 6.72 -2.96 4.33
N TYR A 95 5.70 -2.99 3.49
CA TYR A 95 5.85 -2.73 2.07
C TYR A 95 4.95 -1.56 1.70
N LEU A 96 5.53 -0.40 1.45
CA LEU A 96 4.76 0.78 1.05
C LEU A 96 5.12 1.07 -0.38
N LEU A 97 4.07 1.26 -1.18
CA LEU A 97 4.28 1.54 -2.60
C LEU A 97 3.43 2.73 -3.01
N VAL A 98 3.74 3.25 -4.19
CA VAL A 98 3.06 4.42 -4.74
CA VAL A 98 3.09 4.43 -4.73
C VAL A 98 2.73 4.24 -6.21
N VAL A 99 1.70 4.97 -6.65
CA VAL A 99 1.44 5.12 -8.08
C VAL A 99 1.80 6.54 -8.44
N CYS A 100 2.57 6.71 -9.52
CA CYS A 100 2.95 8.03 -10.02
C CYS A 100 2.26 8.25 -11.37
N ASP A 101 1.85 9.48 -11.63
CA ASP A 101 1.30 9.82 -12.93
C ASP A 101 2.45 9.95 -13.93
N GLY A 102 2.14 10.42 -15.12
CA GLY A 102 3.24 10.41 -16.07
C GLY A 102 4.06 11.68 -16.09
N GLU A 103 3.78 12.66 -15.23
CA GLU A 103 4.75 13.49 -14.53
C GLU A 103 5.52 13.15 -13.28
N GLY A 104 5.44 11.88 -12.87
CA GLY A 104 6.17 11.42 -11.68
C GLY A 104 5.61 11.95 -10.35
N ARG A 105 4.42 12.55 -10.39
CA ARG A 105 3.75 12.99 -9.15
C ARG A 105 3.08 11.80 -8.49
N ILE A 106 3.15 11.70 -7.15
CA ILE A 106 2.48 10.63 -6.42
CA ILE A 106 2.47 10.61 -6.48
C ILE A 106 0.99 10.90 -6.46
N VAL A 107 0.22 9.93 -6.95
CA VAL A 107 -1.22 10.08 -7.04
C VAL A 107 -1.98 8.96 -6.33
N GLY A 108 -1.27 7.96 -5.84
CA GLY A 108 -1.91 6.83 -5.13
C GLY A 108 -0.91 6.17 -4.19
N THR A 109 -1.41 5.61 -3.08
CA THR A 109 -0.58 4.98 -2.07
C THR A 109 -1.20 3.65 -1.65
N GLY A 110 -0.39 2.70 -1.21
CA GLY A 110 -0.94 1.56 -0.49
C GLY A 110 0.16 0.88 0.30
N SER A 111 -0.24 0.18 1.36
CA SER A 111 0.71 -0.53 2.24
C SER A 111 0.29 -1.97 2.47
N LEU A 112 1.30 -2.84 2.62
CA LEU A 112 1.08 -4.18 3.12
C LEU A 112 1.97 -4.38 4.34
N VAL A 113 1.36 -4.84 5.43
CA VAL A 113 2.16 -5.21 6.59
C VAL A 113 2.02 -6.70 6.77
N VAL A 114 3.14 -7.41 6.87
CA VAL A 114 3.10 -8.87 6.92
C VAL A 114 3.28 -9.30 8.38
N GLU A 115 2.23 -9.89 8.94
CA GLU A 115 2.20 -10.36 10.35
C GLU A 115 2.64 -11.81 10.41
N ARG A 116 3.48 -12.09 11.41
CA ARG A 116 3.87 -13.45 11.75
C ARG A 116 2.99 -14.01 12.86
N LYS A 117 2.52 -15.21 12.65
CA LYS A 117 1.68 -15.97 13.56
C LYS A 117 2.34 -17.28 14.02
N PHE A 118 1.79 -17.92 15.05
CA PHE A 118 2.06 -19.32 15.32
C PHE A 118 1.09 -20.24 14.63
N ILE A 119 -0.16 -19.83 14.58
CA ILE A 119 -1.19 -20.62 13.88
CA ILE A 119 -1.25 -20.49 13.86
C ILE A 119 -0.85 -20.81 12.39
N HIS A 120 -1.51 -21.78 11.78
CA HIS A 120 -1.27 -22.11 10.35
C HIS A 120 0.19 -22.49 10.10
N SER A 121 0.71 -23.36 10.98
CA SER A 121 2.10 -23.81 10.89
CA SER A 121 2.09 -23.81 10.85
C SER A 121 3.05 -22.64 10.72
N LEU A 122 3.05 -21.74 11.72
CA LEU A 122 3.87 -20.54 11.72
C LEU A 122 3.57 -19.67 10.50
N GLY A 123 2.30 -19.52 10.17
CA GLY A 123 1.90 -18.77 8.97
C GLY A 123 2.10 -17.26 9.08
N MET A 124 1.91 -16.60 7.92
CA MET A 124 1.97 -15.16 7.83
C MET A 124 0.72 -14.64 7.16
N VAL A 125 0.27 -13.49 7.64
CA VAL A 125 -0.94 -12.85 7.13
C VAL A 125 -0.58 -11.47 6.60
N GLY A 126 -0.98 -11.17 5.36
CA GLY A 126 -0.80 -9.84 4.83
C GLY A 126 -1.94 -8.92 5.28
N HIS A 127 -1.61 -7.70 5.73
CA HIS A 127 -2.62 -6.69 6.09
C HIS A 127 -2.48 -5.49 5.16
N ILE A 128 -3.52 -5.23 4.38
CA ILE A 128 -3.50 -4.08 3.47
C ILE A 128 -4.01 -2.85 4.25
N GLU A 129 -3.27 -1.76 4.12
CA GLU A 129 -3.51 -0.53 4.89
C GLU A 129 -3.36 0.71 4.05
N ASP A 130 -4.11 1.74 4.44
CA ASP A 130 -3.83 3.08 3.97
C ASP A 130 -3.80 3.23 2.46
N ILE A 131 -4.89 2.77 1.84
CA ILE A 131 -5.09 2.83 0.40
C ILE A 131 -5.74 4.16 0.07
N ALA A 132 -5.12 4.92 -0.83
CA ALA A 132 -5.61 6.26 -1.14
C ALA A 132 -5.26 6.64 -2.56
N VAL A 133 -6.21 7.24 -3.27
CA VAL A 133 -5.94 7.77 -4.60
C VAL A 133 -6.43 9.22 -4.63
N GLU A 134 -5.59 10.13 -5.12
CA GLU A 134 -5.97 11.54 -5.27
C GLU A 134 -7.34 11.64 -5.94
N LYS A 135 -8.19 12.55 -5.49
CA LYS A 135 -9.57 12.61 -5.99
C LYS A 135 -9.66 12.69 -7.52
N GLY A 136 -8.82 13.54 -8.11
CA GLY A 136 -8.83 13.75 -9.54
C GLY A 136 -8.39 12.54 -10.36
N GLN A 137 -7.72 11.61 -9.69
CA GLN A 137 -7.17 10.41 -10.33
C GLN A 137 -8.00 9.16 -9.98
N GLN A 138 -9.07 9.34 -9.23
CA GLN A 138 -9.95 8.23 -8.90
C GLN A 138 -10.78 7.72 -10.08
N GLY A 139 -11.19 6.46 -10.00
CA GLY A 139 -12.06 5.85 -11.01
C GLY A 139 -11.39 5.55 -12.33
N LYS A 140 -10.07 5.31 -12.28
CA LYS A 140 -9.26 4.99 -13.46
C LYS A 140 -8.48 3.69 -13.26
N LYS A 141 -8.94 2.85 -12.31
CA LYS A 141 -8.31 1.54 -12.06
CA LYS A 141 -8.33 1.54 -12.03
C LYS A 141 -7.04 1.61 -11.22
N LEU A 142 -6.63 2.82 -10.79
CA LEU A 142 -5.38 2.92 -9.99
C LEU A 142 -5.49 2.20 -8.64
N GLY A 143 -6.62 2.33 -7.96
CA GLY A 143 -6.79 1.63 -6.69
C GLY A 143 -6.78 0.11 -6.90
N LEU A 144 -7.46 -0.36 -7.94
CA LEU A 144 -7.42 -1.78 -8.27
C LEU A 144 -5.98 -2.25 -8.46
N ARG A 145 -5.19 -1.49 -9.20
CA ARG A 145 -3.79 -1.88 -9.45
C ARG A 145 -2.95 -1.89 -8.18
N ILE A 146 -3.21 -0.95 -7.28
CA ILE A 146 -2.55 -0.95 -5.97
C ILE A 146 -2.89 -2.23 -5.21
N ILE A 147 -4.17 -2.60 -5.16
CA ILE A 147 -4.56 -3.82 -4.43
C ILE A 147 -3.96 -5.06 -5.09
N GLN A 148 -3.98 -5.12 -6.42
CA GLN A 148 -3.40 -6.26 -7.11
C GLN A 148 -1.90 -6.36 -6.80
N ALA A 149 -1.24 -5.20 -6.75
CA ALA A 149 0.19 -5.19 -6.48
C ALA A 149 0.46 -5.67 -5.04
N LEU A 150 -0.32 -5.20 -4.06
CA LEU A 150 -0.08 -5.58 -2.66
C LEU A 150 -0.39 -7.09 -2.47
N ASP A 151 -1.45 -7.58 -3.11
CA ASP A 151 -1.78 -9.02 -3.14
CA ASP A 151 -1.74 -9.01 -3.08
C ASP A 151 -0.64 -9.86 -3.68
N TYR A 152 -0.01 -9.37 -4.75
CA TYR A 152 1.11 -10.08 -5.35
C TYR A 152 2.27 -10.18 -4.35
N VAL A 153 2.58 -9.08 -3.64
CA VAL A 153 3.66 -9.11 -2.67
C VAL A 153 3.34 -10.17 -1.59
N ALA A 154 2.14 -10.07 -1.01
CA ALA A 154 1.76 -10.98 0.09
C ALA A 154 1.91 -12.45 -0.33
N GLU A 155 1.40 -12.80 -1.51
CA GLU A 155 1.49 -14.20 -1.95
C GLU A 155 2.95 -14.60 -2.17
N LYS A 156 3.72 -13.70 -2.80
CA LYS A 156 5.09 -14.04 -3.17
C LYS A 156 5.98 -14.30 -1.95
N VAL A 157 5.74 -13.57 -0.85
CA VAL A 157 6.57 -13.72 0.35
C VAL A 157 6.05 -14.84 1.26
N GLY A 158 4.92 -15.44 0.91
CA GLY A 158 4.45 -16.65 1.60
C GLY A 158 3.26 -16.50 2.52
N CYS A 159 2.54 -15.38 2.46
CA CYS A 159 1.31 -15.27 3.25
C CYS A 159 0.24 -16.24 2.80
N TYR A 160 -0.57 -16.72 3.74
CA TYR A 160 -1.66 -17.63 3.35
C TYR A 160 -2.94 -16.88 3.00
N LYS A 161 -3.01 -15.62 3.39
CA LYS A 161 -4.14 -14.78 3.02
C LYS A 161 -3.71 -13.33 3.18
N THR A 162 -4.51 -12.42 2.60
CA THR A 162 -4.41 -10.99 2.88
C THR A 162 -5.78 -10.55 3.32
N ILE A 163 -5.79 -9.71 4.35
CA ILE A 163 -7.01 -9.11 4.87
C ILE A 163 -6.88 -7.59 4.98
N LEU A 164 -8.03 -6.95 5.09
CA LEU A 164 -8.10 -5.52 5.30
C LEU A 164 -9.48 -5.20 5.92
N ASP A 165 -9.61 -3.99 6.45
CA ASP A 165 -10.91 -3.49 6.88
C ASP A 165 -11.36 -2.38 5.97
N CYS A 166 -12.67 -2.31 5.77
CA CYS A 166 -13.22 -1.26 4.92
C CYS A 166 -14.57 -0.80 5.45
N SER A 167 -15.12 0.23 4.83
CA SER A 167 -16.44 0.73 5.19
C SER A 167 -17.52 0.07 4.35
N GLU A 168 -18.77 0.19 4.76
CA GLU A 168 -19.86 -0.24 3.89
C GLU A 168 -19.80 0.48 2.55
N ALA A 169 -19.45 1.75 2.56
CA ALA A 169 -19.45 2.55 1.32
C ALA A 169 -18.38 2.12 0.33
N ASN A 170 -17.27 1.54 0.81
CA ASN A 170 -16.29 1.10 -0.18
CA ASN A 170 -16.12 1.07 0.03
C ASN A 170 -16.12 -0.42 -0.28
N GLU A 171 -17.04 -1.17 0.35
CA GLU A 171 -17.00 -2.62 0.18
C GLU A 171 -17.02 -3.04 -1.29
N GLY A 172 -17.80 -2.33 -2.12
CA GLY A 172 -17.93 -2.70 -3.53
C GLY A 172 -16.63 -2.59 -4.29
N PHE A 173 -15.80 -1.61 -3.90
CA PHE A 173 -14.47 -1.53 -4.47
C PHE A 173 -13.67 -2.80 -4.18
N TYR A 174 -13.69 -3.23 -2.91
CA TYR A 174 -12.93 -4.43 -2.54
C TYR A 174 -13.48 -5.71 -3.16
N ILE A 175 -14.80 -5.77 -3.36
CA ILE A 175 -15.44 -6.86 -4.11
CA ILE A 175 -15.39 -6.89 -4.09
C ILE A 175 -14.85 -6.93 -5.53
N LYS A 176 -14.76 -5.76 -6.18
CA LYS A 176 -14.22 -5.68 -7.54
C LYS A 176 -12.72 -6.02 -7.60
N CYS A 177 -12.05 -5.95 -6.45
CA CYS A 177 -10.65 -6.34 -6.33
C CYS A 177 -10.50 -7.83 -6.00
N GLY A 178 -11.61 -8.55 -5.87
CA GLY A 178 -11.58 -9.99 -5.61
C GLY A 178 -11.46 -10.38 -4.14
N PHE A 179 -11.81 -9.44 -3.26
CA PHE A 179 -11.91 -9.75 -1.83
C PHE A 179 -13.34 -10.14 -1.49
N LYS A 180 -13.52 -10.86 -0.40
CA LYS A 180 -14.84 -11.24 0.10
C LYS A 180 -14.96 -10.88 1.57
N ARG A 181 -16.18 -10.56 1.97
CA ARG A 181 -16.47 -10.26 3.38
C ARG A 181 -16.11 -11.47 4.25
N ALA A 182 -15.37 -11.21 5.34
CA ALA A 182 -14.86 -12.28 6.20
C ALA A 182 -15.21 -12.12 7.67
N GLY A 183 -15.70 -10.96 8.06
CA GLY A 183 -15.98 -10.72 9.48
C GLY A 183 -16.23 -9.23 9.68
N LEU A 184 -16.17 -8.83 10.95
CA LEU A 184 -16.44 -7.45 11.37
C LEU A 184 -15.21 -6.82 11.97
N GLU A 185 -15.01 -5.55 11.67
CA GLU A 185 -14.00 -4.76 12.36
C GLU A 185 -14.57 -4.15 13.61
N MET A 186 -13.89 -4.37 14.74
CA MET A 186 -14.24 -3.73 16.01
C MET A 186 -13.13 -2.78 16.43
N ALA A 187 -13.49 -1.68 17.10
CA ALA A 187 -12.50 -0.69 17.47
C ALA A 187 -12.72 -0.14 18.88
N HIS A 188 -11.60 0.27 19.49
CA HIS A 188 -11.64 1.03 20.71
C HIS A 188 -10.66 2.21 20.53
N TYR A 189 -11.22 3.42 20.45
CA TYR A 189 -10.42 4.66 20.33
C TYR A 189 -10.11 5.24 21.72
N TYR A 190 -8.87 5.68 21.93
CA TYR A 190 -8.47 6.26 23.22
C TYR A 190 -8.77 7.77 23.32
#